data_3GKU
#
_entry.id   3GKU
#
_cell.length_a   126.992
_cell.length_b   126.992
_cell.length_c   106.185
_cell.angle_alpha   90.00
_cell.angle_beta   90.00
_cell.angle_gamma   120.00
#
_symmetry.space_group_name_H-M   'P 31 2 1'
#
_entity_poly.entity_id   1
_entity_poly.type   'polypeptide(L)'
_entity_poly.pdbx_seq_one_letter_code
;SNA(MSE)D(MSE)VTVTAKTVEEAVTKALIELQTTSDKLTYEIVEKGSAGFLGIGSKPAIIRAKRKETLQDKAIEFLEQ
VFDA(MSE)N(MSE)AVDISVEYNETEKE(MSE)NVNLKGDD(MSE)GILIGKRGQTLDSLQYLVSLVVNKSSSDYIRVK
LDTENYRERRKETLETLAKNIAYKVKRTKRSVSLEP(MSE)NPYERRIIHAALQNDKYVVTRSDGEEPFRHVIISLKREN
RRDRNDRSDRNEK
;
_entity_poly.pdbx_strand_id   A,B,C
#
# COMPACT_ATOMS: atom_id res chain seq x y z
N MSE A 4 5.03 -28.42 -4.69
CA MSE A 4 6.53 -28.38 -4.69
C MSE A 4 7.14 -29.69 -5.18
O MSE A 4 6.99 -30.75 -4.54
CB MSE A 4 7.09 -28.02 -3.32
N ASP A 5 7.81 -29.62 -6.32
CA ASP A 5 8.77 -30.65 -6.67
C ASP A 5 9.63 -30.91 -5.39
N MSE A 6 10.11 -32.15 -5.18
CA MSE A 6 11.37 -32.43 -4.43
C MSE A 6 11.89 -33.82 -4.74
O MSE A 6 11.33 -34.79 -4.29
CB MSE A 6 11.22 -32.26 -2.91
CG MSE A 6 12.57 -31.98 -2.20
SE MSE A 6 12.57 -30.65 -0.66
CE MSE A 6 14.43 -30.00 -0.73
N VAL A 7 12.97 -33.93 -5.50
CA VAL A 7 13.52 -35.26 -5.76
C VAL A 7 14.43 -35.75 -4.66
N THR A 8 14.35 -37.05 -4.38
CA THR A 8 15.15 -37.64 -3.35
C THR A 8 16.28 -38.41 -4.01
N VAL A 9 17.47 -38.15 -3.55
CA VAL A 9 18.67 -38.61 -4.19
C VAL A 9 19.52 -39.30 -3.15
N THR A 10 20.48 -40.09 -3.61
CA THR A 10 21.05 -41.08 -2.78
C THR A 10 22.46 -41.35 -3.31
N ALA A 11 23.42 -41.60 -2.43
CA ALA A 11 24.81 -41.68 -2.87
C ALA A 11 25.73 -41.82 -1.67
N LYS A 12 27.04 -41.85 -1.93
CA LYS A 12 27.97 -42.34 -0.92
C LYS A 12 28.15 -41.36 0.23
N THR A 13 28.22 -40.07 -0.09
CA THR A 13 28.28 -39.00 0.92
C THR A 13 27.30 -37.90 0.55
N VAL A 14 26.98 -37.03 1.52
CA VAL A 14 26.04 -35.93 1.23
C VAL A 14 26.61 -35.15 0.06
N GLU A 15 27.89 -34.78 0.19
CA GLU A 15 28.62 -34.05 -0.85
C GLU A 15 28.34 -34.58 -2.26
N GLU A 16 28.37 -35.90 -2.42
CA GLU A 16 28.14 -36.52 -3.73
C GLU A 16 26.67 -36.45 -4.13
N ALA A 17 25.82 -36.79 -3.20
CA ALA A 17 24.40 -36.68 -3.40
C ALA A 17 24.02 -35.34 -4.01
N VAL A 18 24.57 -34.27 -3.44
CA VAL A 18 24.33 -32.94 -3.94
C VAL A 18 24.67 -32.87 -5.43
N THR A 19 25.94 -33.14 -5.73
CA THR A 19 26.38 -33.20 -7.11
C THR A 19 25.47 -34.04 -7.96
N LYS A 20 25.11 -35.21 -7.46
CA LYS A 20 24.17 -36.00 -8.23
C LYS A 20 22.84 -35.25 -8.50
N ALA A 21 22.42 -34.45 -7.52
CA ALA A 21 21.10 -33.85 -7.56
C ALA A 21 21.14 -32.70 -8.52
N LEU A 22 22.24 -31.96 -8.46
CA LEU A 22 22.46 -30.90 -9.41
C LEU A 22 22.31 -31.40 -10.88
N ILE A 23 22.91 -32.55 -11.16
CA ILE A 23 22.77 -33.17 -12.47
C ILE A 23 21.33 -33.48 -12.74
N GLU A 24 20.67 -34.21 -11.86
CA GLU A 24 19.33 -34.62 -12.20
C GLU A 24 18.34 -33.49 -12.16
N LEU A 25 18.67 -32.46 -11.40
CA LEU A 25 17.75 -31.36 -11.32
C LEU A 25 17.97 -30.41 -12.47
N GLN A 26 19.02 -30.67 -13.24
CA GLN A 26 19.56 -29.70 -14.18
C GLN A 26 19.47 -28.28 -13.64
N THR A 27 19.91 -28.09 -12.40
CA THR A 27 20.04 -26.76 -11.86
C THR A 27 21.53 -26.50 -11.68
N THR A 28 21.90 -25.48 -10.92
CA THR A 28 23.31 -25.23 -10.70
C THR A 28 23.44 -24.93 -9.24
N SER A 29 24.65 -25.17 -8.71
CA SER A 29 24.98 -25.06 -7.27
C SER A 29 24.25 -23.94 -6.55
N ASP A 30 24.15 -22.80 -7.23
CA ASP A 30 23.56 -21.61 -6.64
C ASP A 30 22.04 -21.60 -6.77
N LYS A 31 21.48 -22.68 -7.31
CA LYS A 31 20.04 -22.77 -7.50
C LYS A 31 19.42 -23.99 -6.83
N LEU A 32 19.99 -24.42 -5.73
CA LEU A 32 19.52 -25.65 -5.11
C LEU A 32 19.18 -25.51 -3.63
N THR A 33 18.00 -25.99 -3.24
CA THR A 33 17.72 -26.29 -1.82
C THR A 33 17.78 -27.78 -1.58
N TYR A 34 18.19 -28.16 -0.38
CA TYR A 34 18.11 -29.56 -0.04
C TYR A 34 18.03 -29.72 1.44
N GLU A 35 17.47 -30.83 1.85
CA GLU A 35 17.53 -31.22 3.20
C GLU A 35 18.18 -32.57 3.22
N ILE A 36 18.94 -32.82 4.28
CA ILE A 36 19.71 -34.02 4.45
C ILE A 36 18.84 -35.04 5.19
N VAL A 37 18.57 -36.18 4.57
CA VAL A 37 17.78 -37.17 5.26
C VAL A 37 18.68 -38.01 6.13
N GLU A 38 19.79 -38.47 5.57
CA GLU A 38 20.73 -39.25 6.33
C GLU A 38 22.14 -39.12 5.69
N LYS A 39 23.16 -38.66 6.43
CA LYS A 39 24.54 -38.81 5.93
C LYS A 39 24.87 -40.30 6.02
N GLY A 40 25.74 -40.80 5.16
CA GLY A 40 25.92 -42.26 5.13
C GLY A 40 26.81 -42.81 6.20
N SER A 41 27.45 -43.95 5.91
CA SER A 41 28.58 -44.45 6.66
C SER A 41 29.27 -45.54 5.85
N ALA A 42 30.57 -45.81 6.05
CA ALA A 42 31.16 -47.11 5.61
C ALA A 42 31.93 -47.83 6.76
N GLY A 43 32.16 -49.15 6.69
CA GLY A 43 32.80 -49.83 7.84
C GLY A 43 33.39 -51.24 7.71
N PHE A 44 34.37 -51.41 6.82
CA PHE A 44 34.98 -52.71 6.52
C PHE A 44 35.92 -53.16 7.63
N ILE A 47 31.93 -54.30 5.15
CA ILE A 47 31.94 -52.85 5.22
C ILE A 47 30.55 -52.25 5.56
N GLY A 48 30.20 -52.19 6.85
CA GLY A 48 28.93 -51.60 7.31
C GLY A 48 28.56 -50.23 6.69
N SER A 49 28.63 -50.16 5.36
CA SER A 49 28.36 -48.93 4.63
C SER A 49 26.85 -48.58 4.69
N LYS A 50 26.51 -47.31 4.46
CA LYS A 50 25.14 -46.81 4.52
C LYS A 50 25.03 -45.56 3.68
N PRO A 51 24.24 -45.59 2.59
CA PRO A 51 24.19 -44.40 1.74
C PRO A 51 23.75 -43.14 2.48
N ALA A 52 24.29 -42.03 1.99
CA ALA A 52 23.75 -40.71 2.29
C ALA A 52 22.50 -40.47 1.43
N ILE A 53 21.55 -39.76 2.01
CA ILE A 53 20.30 -39.48 1.34
C ILE A 53 19.96 -38.05 1.51
N ILE A 54 19.57 -37.39 0.41
CA ILE A 54 19.03 -36.04 0.48
C ILE A 54 17.74 -35.89 -0.30
N ARG A 55 17.06 -34.78 -0.06
CA ARG A 55 15.87 -34.42 -0.81
C ARG A 55 16.19 -33.06 -1.28
N ALA A 56 15.92 -32.80 -2.54
CA ALA A 56 16.39 -31.55 -3.14
C ALA A 56 15.42 -31.07 -4.13
N LYS A 57 15.13 -29.79 -4.08
CA LYS A 57 14.37 -29.12 -5.15
C LYS A 57 15.27 -28.09 -5.81
N ARG A 58 14.78 -27.43 -6.84
CA ARG A 58 15.38 -26.18 -7.32
C ARG A 58 15.04 -25.05 -6.36
N LYS A 59 16.01 -24.22 -5.98
CA LYS A 59 15.73 -23.02 -5.18
C LYS A 59 14.59 -22.27 -5.84
N GLU A 60 13.59 -21.85 -5.07
CA GLU A 60 12.39 -21.19 -5.65
C GLU A 60 12.67 -19.85 -6.37
N THR A 61 12.22 -19.76 -7.61
CA THR A 61 12.33 -18.60 -8.48
C THR A 61 11.40 -17.45 -8.07
N LEU A 62 11.63 -16.24 -8.57
CA LEU A 62 10.77 -15.09 -8.23
C LEU A 62 9.44 -15.10 -8.94
N GLN A 63 9.41 -15.44 -10.21
CA GLN A 63 8.12 -15.70 -10.82
C GLN A 63 7.35 -16.77 -10.04
N ASP A 64 8.05 -17.83 -9.63
CA ASP A 64 7.48 -18.83 -8.70
C ASP A 64 6.69 -18.16 -7.59
N LYS A 65 7.32 -17.22 -6.90
CA LYS A 65 6.66 -16.54 -5.81
C LYS A 65 5.52 -15.64 -6.22
N ALA A 66 5.59 -15.08 -7.41
CA ALA A 66 4.45 -14.29 -7.83
C ALA A 66 3.21 -15.18 -8.08
N ILE A 67 3.36 -16.19 -8.95
CA ILE A 67 2.31 -17.15 -9.27
C ILE A 67 1.70 -17.69 -8.00
N GLU A 68 2.51 -18.32 -7.18
CA GLU A 68 2.03 -18.81 -5.90
C GLU A 68 1.15 -17.79 -5.19
N PHE A 69 1.65 -16.59 -4.92
CA PHE A 69 0.81 -15.58 -4.29
C PHE A 69 -0.51 -15.39 -5.02
N LEU A 70 -0.48 -15.27 -6.32
CA LEU A 70 -1.69 -14.98 -6.96
C LEU A 70 -2.67 -16.16 -6.95
N GLU A 71 -2.17 -17.37 -7.20
CA GLU A 71 -3.05 -18.54 -7.15
C GLU A 71 -3.71 -18.49 -5.82
N GLN A 72 -2.93 -18.27 -4.78
CA GLN A 72 -3.45 -18.24 -3.45
C GLN A 72 -4.57 -17.24 -3.33
N VAL A 73 -4.37 -16.04 -3.86
CA VAL A 73 -5.37 -14.98 -3.83
C VAL A 73 -6.56 -15.27 -4.72
N PHE A 74 -6.37 -15.49 -6.02
CA PHE A 74 -7.51 -15.83 -6.86
C PHE A 74 -8.35 -17.01 -6.37
N ASP A 75 -7.73 -17.82 -5.54
CA ASP A 75 -8.34 -19.05 -5.13
C ASP A 75 -9.17 -18.64 -3.96
N ALA A 76 -8.61 -17.72 -3.18
CA ALA A 76 -9.32 -17.11 -2.07
C ALA A 76 -10.50 -16.31 -2.60
N MSE A 77 -10.39 -15.87 -3.86
CA MSE A 77 -11.44 -15.12 -4.49
C MSE A 77 -12.41 -15.98 -5.28
O MSE A 77 -13.30 -15.47 -5.94
CB MSE A 77 -10.87 -14.08 -5.37
CG MSE A 77 -10.73 -12.77 -4.69
SE MSE A 77 -9.75 -11.59 -5.89
CE MSE A 77 -11.14 -11.35 -7.24
N ASN A 78 -12.23 -17.29 -5.19
CA ASN A 78 -13.10 -18.27 -5.81
C ASN A 78 -13.11 -18.11 -7.30
N MSE A 79 -11.95 -17.75 -7.83
CA MSE A 79 -11.81 -17.50 -9.23
C MSE A 79 -10.74 -18.34 -9.86
O MSE A 79 -9.69 -18.57 -9.27
CB MSE A 79 -11.42 -16.07 -9.45
CG MSE A 79 -12.39 -15.06 -9.00
SE MSE A 79 -11.57 -13.38 -9.56
CE MSE A 79 -13.28 -12.53 -10.02
N ALA A 80 -11.01 -18.73 -11.11
CA ALA A 80 -10.14 -19.56 -11.97
C ALA A 80 -9.31 -18.64 -12.83
N VAL A 81 -7.98 -18.55 -12.67
CA VAL A 81 -7.25 -17.74 -13.68
C VAL A 81 -5.91 -18.31 -14.15
N ASP A 82 -5.60 -18.15 -15.43
CA ASP A 82 -4.30 -18.54 -16.02
C ASP A 82 -3.28 -17.43 -15.93
N ILE A 83 -2.26 -17.67 -15.10
CA ILE A 83 -1.17 -16.75 -14.88
C ILE A 83 0.01 -17.21 -15.72
N SER A 84 0.76 -16.27 -16.27
CA SER A 84 2.04 -16.58 -16.93
C SER A 84 2.84 -15.35 -16.69
N VAL A 85 4.15 -15.51 -16.59
CA VAL A 85 5.01 -14.35 -16.41
C VAL A 85 6.21 -14.36 -17.31
N GLU A 86 6.60 -13.16 -17.68
CA GLU A 86 7.85 -12.94 -18.34
C GLU A 86 8.63 -12.08 -17.41
N TYR A 87 9.78 -12.59 -17.03
CA TYR A 87 10.69 -11.85 -16.21
C TYR A 87 11.89 -11.52 -17.06
N ASN A 88 12.33 -10.28 -17.01
CA ASN A 88 13.48 -9.83 -17.75
C ASN A 88 14.55 -9.47 -16.74
N GLU A 89 15.32 -10.47 -16.37
CA GLU A 89 16.37 -10.35 -15.37
C GLU A 89 17.17 -9.09 -15.49
N THR A 90 17.78 -8.89 -16.65
CA THR A 90 18.70 -7.80 -16.81
C THR A 90 17.95 -6.52 -16.76
N GLU A 91 16.76 -6.48 -17.32
CA GLU A 91 15.99 -5.26 -17.26
C GLU A 91 15.24 -5.13 -15.96
N LYS A 92 15.16 -6.22 -15.22
CA LYS A 92 14.65 -6.15 -13.90
C LYS A 92 13.17 -5.88 -13.93
N GLU A 93 12.45 -6.46 -14.90
CA GLU A 93 10.99 -6.37 -14.81
C GLU A 93 10.24 -7.64 -15.08
N MSE A 94 9.22 -7.85 -14.26
CA MSE A 94 8.34 -8.98 -14.41
C MSE A 94 7.08 -8.49 -15.12
O MSE A 94 6.53 -7.45 -14.79
CB MSE A 94 8.02 -9.53 -13.04
CG MSE A 94 7.45 -10.93 -13.03
SE MSE A 94 7.29 -11.52 -11.18
CE MSE A 94 9.14 -12.09 -10.99
N ASN A 95 6.64 -9.24 -16.13
CA ASN A 95 5.38 -8.96 -16.75
C ASN A 95 4.47 -10.10 -16.59
N VAL A 96 3.41 -9.91 -15.80
CA VAL A 96 2.51 -11.01 -15.55
C VAL A 96 1.11 -10.85 -16.17
N ASN A 97 0.78 -11.80 -17.06
CA ASN A 97 -0.45 -11.78 -17.81
C ASN A 97 -1.46 -12.70 -17.21
N LEU A 98 -2.69 -12.21 -17.03
CA LEU A 98 -3.79 -13.02 -16.57
C LEU A 98 -4.79 -13.17 -17.70
N LYS A 99 -4.90 -14.36 -18.26
CA LYS A 99 -6.06 -14.64 -19.10
C LYS A 99 -6.95 -15.60 -18.31
N GLY A 100 -8.21 -15.69 -18.71
CA GLY A 100 -9.07 -16.71 -18.13
C GLY A 100 -10.53 -16.33 -18.16
N ASP A 101 -11.38 -17.33 -18.26
CA ASP A 101 -12.82 -17.12 -18.36
C ASP A 101 -13.34 -16.18 -17.26
N ASP A 102 -12.89 -16.42 -16.02
CA ASP A 102 -13.35 -15.63 -14.88
C ASP A 102 -12.86 -14.22 -14.91
N MSE A 103 -11.69 -14.03 -15.47
CA MSE A 103 -11.14 -12.70 -15.56
C MSE A 103 -12.10 -11.82 -16.32
O MSE A 103 -12.19 -10.63 -16.06
CB MSE A 103 -9.81 -12.76 -16.28
CG MSE A 103 -8.71 -13.19 -15.38
SE MSE A 103 -8.04 -11.66 -14.32
CE MSE A 103 -9.63 -10.60 -13.83
N GLY A 104 -12.83 -12.43 -17.24
CA GLY A 104 -13.82 -11.74 -18.05
C GLY A 104 -14.92 -11.08 -17.24
N ILE A 105 -15.45 -11.81 -16.25
CA ILE A 105 -16.56 -11.28 -15.47
C ILE A 105 -16.36 -9.78 -15.06
N LEU A 106 -15.35 -9.49 -14.25
CA LEU A 106 -15.22 -8.15 -13.64
C LEU A 106 -14.91 -7.03 -14.61
N ILE A 107 -15.90 -6.56 -15.36
CA ILE A 107 -15.62 -5.75 -16.57
C ILE A 107 -14.97 -4.34 -16.35
N GLY A 108 -15.73 -3.41 -15.76
CA GLY A 108 -15.22 -2.08 -15.47
C GLY A 108 -14.21 -2.31 -14.38
N LYS A 109 -14.52 -3.25 -13.49
CA LYS A 109 -13.77 -3.56 -12.27
C LYS A 109 -12.38 -4.08 -12.52
N ARG A 110 -12.06 -4.36 -13.77
CA ARG A 110 -10.75 -4.86 -14.08
C ARG A 110 -9.65 -3.87 -13.68
N GLY A 111 -9.82 -2.58 -13.97
CA GLY A 111 -8.74 -1.64 -13.70
C GLY A 111 -8.23 -1.75 -12.29
N GLN A 112 -9.02 -1.22 -11.37
CA GLN A 112 -8.70 -1.31 -9.96
C GLN A 112 -8.37 -2.70 -9.47
N THR A 113 -8.93 -3.75 -10.05
CA THR A 113 -8.55 -5.02 -9.51
C THR A 113 -7.15 -5.40 -10.00
N LEU A 114 -6.85 -5.24 -11.30
CA LEU A 114 -5.47 -5.32 -11.75
C LEU A 114 -4.55 -4.44 -10.90
N ASP A 115 -5.00 -3.22 -10.63
CA ASP A 115 -4.17 -2.34 -9.82
C ASP A 115 -3.83 -2.84 -8.45
N SER A 116 -4.84 -3.23 -7.66
CA SER A 116 -4.60 -3.69 -6.31
C SER A 116 -3.76 -4.94 -6.30
N LEU A 117 -4.21 -5.93 -7.04
CA LEU A 117 -3.44 -7.14 -7.12
C LEU A 117 -2.03 -6.83 -7.48
N GLN A 118 -1.83 -5.95 -8.46
CA GLN A 118 -0.49 -5.62 -8.85
C GLN A 118 0.30 -5.07 -7.69
N TYR A 119 -0.27 -4.12 -6.97
CA TYR A 119 0.46 -3.52 -5.89
C TYR A 119 0.95 -4.56 -4.94
N LEU A 120 0.07 -5.50 -4.62
CA LEU A 120 0.36 -6.60 -3.72
C LEU A 120 1.38 -7.58 -4.27
N VAL A 121 1.13 -8.13 -5.47
CA VAL A 121 2.13 -9.02 -6.01
C VAL A 121 3.51 -8.39 -5.90
N SER A 122 3.57 -7.06 -6.07
CA SER A 122 4.84 -6.41 -6.09
C SER A 122 5.55 -6.40 -4.69
N LEU A 123 4.77 -6.10 -3.63
CA LEU A 123 5.27 -6.17 -2.28
C LEU A 123 5.93 -7.51 -2.14
N VAL A 124 5.14 -8.53 -2.49
CA VAL A 124 5.51 -9.90 -2.31
C VAL A 124 6.77 -10.18 -3.09
N VAL A 125 6.75 -10.05 -4.43
CA VAL A 125 8.01 -10.26 -5.16
C VAL A 125 9.21 -9.49 -4.51
N ASN A 126 9.00 -8.19 -4.26
CA ASN A 126 10.10 -7.36 -3.81
C ASN A 126 10.71 -7.61 -2.47
N LYS A 127 9.92 -8.16 -1.56
CA LYS A 127 10.44 -8.54 -0.25
C LYS A 127 11.37 -9.73 -0.37
N SER A 128 11.31 -10.45 -1.48
CA SER A 128 12.17 -11.63 -1.65
C SER A 128 13.33 -11.33 -2.55
N SER A 129 13.64 -10.04 -2.71
CA SER A 129 14.60 -9.59 -3.71
C SER A 129 15.33 -8.35 -3.27
N SER A 130 16.65 -8.43 -3.31
CA SER A 130 17.46 -7.29 -3.00
C SER A 130 17.49 -6.22 -4.06
N ASP A 131 17.29 -6.58 -5.32
CA ASP A 131 17.21 -5.54 -6.34
C ASP A 131 15.80 -5.17 -6.48
N TYR A 132 15.54 -3.94 -6.94
CA TYR A 132 14.16 -3.53 -7.09
C TYR A 132 13.61 -4.12 -8.35
N ILE A 133 12.40 -4.65 -8.29
CA ILE A 133 11.83 -5.34 -9.46
C ILE A 133 10.59 -4.62 -9.88
N ARG A 134 10.43 -4.40 -11.19
CA ARG A 134 9.23 -3.79 -11.70
C ARG A 134 8.23 -4.91 -12.05
N VAL A 135 7.13 -5.04 -11.30
CA VAL A 135 6.11 -6.02 -11.71
C VAL A 135 4.91 -5.32 -12.33
N LYS A 136 4.52 -5.81 -13.50
CA LYS A 136 3.42 -5.24 -14.23
C LYS A 136 2.48 -6.38 -14.34
N LEU A 137 1.24 -6.10 -14.01
CA LEU A 137 0.21 -7.12 -13.96
C LEU A 137 -0.97 -6.71 -14.87
N ASP A 138 -1.24 -7.50 -15.91
CA ASP A 138 -2.15 -7.11 -16.98
C ASP A 138 -3.00 -8.33 -17.49
N THR A 139 -4.00 -8.05 -18.32
CA THR A 139 -4.75 -9.04 -19.09
C THR A 139 -4.78 -8.75 -20.60
N GLU A 140 -4.16 -9.60 -21.38
CA GLU A 140 -4.34 -9.49 -22.82
C GLU A 140 -4.53 -7.99 -23.17
N ASN A 141 -3.53 -7.21 -22.80
CA ASN A 141 -3.45 -5.83 -23.21
C ASN A 141 -4.61 -4.98 -22.80
N TYR A 142 -5.31 -5.40 -21.76
CA TYR A 142 -6.40 -4.61 -21.28
C TYR A 142 -5.95 -3.20 -20.96
N ARG A 143 -4.79 -3.00 -20.35
CA ARG A 143 -4.53 -1.62 -19.90
C ARG A 143 -4.53 -0.67 -21.12
N GLU A 144 -3.74 -0.96 -22.13
CA GLU A 144 -3.74 -0.24 -23.35
C GLU A 144 -5.16 -0.08 -23.88
N ARG A 145 -5.88 -1.19 -23.99
CA ARG A 145 -7.05 -1.07 -24.79
C ARG A 145 -8.11 -0.38 -24.04
N ARG A 146 -8.03 -0.49 -22.74
CA ARG A 146 -8.76 0.43 -21.84
C ARG A 146 -8.40 1.91 -22.06
N LYS A 147 -7.14 2.28 -21.94
CA LYS A 147 -6.79 3.66 -22.28
C LYS A 147 -7.44 4.23 -23.59
N GLU A 148 -7.38 3.48 -24.69
CA GLU A 148 -7.95 3.94 -25.93
C GLU A 148 -9.41 4.24 -25.76
N THR A 149 -10.10 3.36 -25.08
CA THR A 149 -11.53 3.47 -25.14
C THR A 149 -11.99 4.65 -24.26
N LEU A 150 -11.29 4.85 -23.15
CA LEU A 150 -11.53 6.02 -22.31
C LEU A 150 -11.25 7.31 -23.07
N GLU A 151 -10.08 7.37 -23.73
CA GLU A 151 -9.73 8.56 -24.48
C GLU A 151 -10.84 8.78 -25.51
N THR A 152 -11.42 7.70 -26.02
CA THR A 152 -12.52 7.84 -26.94
C THR A 152 -13.78 8.34 -26.30
N LEU A 153 -14.07 7.81 -25.12
CA LEU A 153 -15.16 8.30 -24.29
C LEU A 153 -15.03 9.80 -24.10
N ALA A 154 -13.83 10.24 -23.72
CA ALA A 154 -13.55 11.63 -23.53
C ALA A 154 -14.00 12.40 -24.76
N LYS A 155 -13.47 12.06 -25.93
CA LYS A 155 -13.79 12.80 -27.09
C LYS A 155 -15.26 12.72 -27.39
N ASN A 156 -15.89 11.57 -27.27
CA ASN A 156 -17.30 11.46 -27.77
C ASN A 156 -18.17 12.27 -26.90
N ILE A 157 -18.02 12.11 -25.59
CA ILE A 157 -18.95 12.85 -24.80
C ILE A 157 -18.61 14.34 -24.78
N ALA A 158 -17.41 14.76 -25.18
CA ALA A 158 -17.21 16.20 -25.40
C ALA A 158 -18.16 16.71 -26.47
N TYR A 159 -18.05 16.16 -27.67
CA TYR A 159 -19.03 16.32 -28.73
C TYR A 159 -20.44 16.46 -28.15
N LYS A 160 -20.88 15.52 -27.36
CA LYS A 160 -22.25 15.59 -26.83
C LYS A 160 -22.52 16.90 -26.10
N VAL A 161 -21.70 17.25 -25.11
CA VAL A 161 -21.86 18.48 -24.38
C VAL A 161 -21.84 19.59 -25.38
N LYS A 162 -20.77 19.69 -26.13
CA LYS A 162 -20.66 20.69 -27.15
C LYS A 162 -21.98 20.76 -27.88
N ARG A 163 -22.59 19.65 -28.19
CA ARG A 163 -23.77 19.69 -29.01
C ARG A 163 -25.08 19.99 -28.26
N THR A 164 -25.33 19.30 -27.15
CA THR A 164 -26.58 19.44 -26.37
C THR A 164 -26.54 20.56 -25.40
N LYS A 165 -25.38 21.20 -25.22
CA LYS A 165 -25.24 22.37 -24.37
C LYS A 165 -25.44 22.04 -22.91
N ARG A 166 -25.54 20.76 -22.60
CA ARG A 166 -25.95 20.33 -21.30
C ARG A 166 -24.81 19.52 -20.74
N SER A 167 -24.57 19.65 -19.46
CA SER A 167 -23.37 19.08 -18.85
C SER A 167 -23.51 17.60 -18.55
N VAL A 168 -22.42 16.84 -18.77
CA VAL A 168 -22.38 15.34 -18.60
C VAL A 168 -21.42 14.78 -17.55
N SER A 169 -21.93 13.92 -16.65
CA SER A 169 -21.12 13.26 -15.62
C SER A 169 -20.89 11.86 -16.05
N LEU A 170 -19.63 11.46 -16.06
CA LEU A 170 -19.30 10.10 -16.40
C LEU A 170 -19.68 9.19 -15.26
N GLU A 171 -19.56 7.89 -15.48
CA GLU A 171 -19.71 6.95 -14.39
C GLU A 171 -18.49 7.10 -13.47
N PRO A 172 -18.62 6.61 -12.21
CA PRO A 172 -17.48 6.65 -11.30
C PRO A 172 -16.32 5.88 -11.88
N MSE A 173 -15.09 6.24 -11.53
CA MSE A 173 -13.86 5.61 -12.02
C MSE A 173 -12.73 5.82 -11.04
O MSE A 173 -12.69 6.80 -10.32
CB MSE A 173 -13.38 6.25 -13.31
CG MSE A 173 -14.45 6.68 -14.22
SE MSE A 173 -13.62 7.13 -15.90
CE MSE A 173 -15.06 6.77 -17.19
N ASN A 174 -11.75 4.92 -11.04
CA ASN A 174 -10.56 5.07 -10.21
C ASN A 174 -9.73 6.29 -10.66
N PRO A 175 -8.90 6.82 -9.76
CA PRO A 175 -8.18 8.04 -10.10
C PRO A 175 -7.37 7.92 -11.39
N TYR A 176 -6.74 6.77 -11.53
CA TYR A 176 -5.90 6.50 -12.68
C TYR A 176 -6.66 6.71 -13.96
N GLU A 177 -7.88 6.22 -14.01
CA GLU A 177 -8.64 6.36 -15.22
C GLU A 177 -9.10 7.77 -15.40
N ARG A 178 -9.65 8.32 -14.31
CA ARG A 178 -10.04 9.74 -14.26
C ARG A 178 -8.97 10.64 -14.87
N ARG A 179 -7.72 10.33 -14.59
CA ARG A 179 -6.70 11.12 -15.19
C ARG A 179 -6.67 10.98 -16.71
N ILE A 180 -6.86 9.76 -17.23
CA ILE A 180 -6.87 9.59 -18.70
C ILE A 180 -7.88 10.52 -19.39
N ILE A 181 -9.04 10.64 -18.77
CA ILE A 181 -10.01 11.55 -19.26
C ILE A 181 -9.54 13.00 -19.18
N HIS A 182 -9.28 13.45 -17.96
CA HIS A 182 -8.84 14.83 -17.79
C HIS A 182 -7.83 15.19 -18.85
N ALA A 183 -6.92 14.26 -19.11
CA ALA A 183 -5.85 14.58 -19.96
C ALA A 183 -6.40 14.54 -21.37
N ALA A 184 -7.36 13.69 -21.64
CA ALA A 184 -7.77 13.57 -23.04
C ALA A 184 -8.31 14.90 -23.60
N LEU A 185 -8.75 15.76 -22.70
CA LEU A 185 -9.49 16.97 -23.00
C LEU A 185 -8.67 18.18 -22.53
N GLN A 186 -7.44 17.93 -22.11
CA GLN A 186 -6.55 18.95 -21.61
C GLN A 186 -6.69 20.28 -22.36
N ASN A 187 -6.77 20.26 -23.69
CA ASN A 187 -6.74 21.50 -24.50
C ASN A 187 -7.91 21.74 -25.43
N ASP A 188 -9.05 21.15 -25.09
CA ASP A 188 -10.23 21.32 -25.87
C ASP A 188 -10.70 22.75 -25.72
N LYS A 189 -11.03 23.38 -26.85
CA LYS A 189 -11.39 24.79 -26.84
C LYS A 189 -12.79 25.09 -26.28
N TYR A 190 -13.65 24.08 -26.21
CA TYR A 190 -15.05 24.32 -25.91
C TYR A 190 -15.51 23.72 -24.58
N VAL A 191 -14.71 22.80 -24.06
CA VAL A 191 -15.19 21.99 -22.97
C VAL A 191 -14.18 21.93 -21.83
N VAL A 192 -14.64 21.66 -20.64
CA VAL A 192 -13.73 21.55 -19.50
C VAL A 192 -14.11 20.34 -18.66
N THR A 193 -13.17 19.92 -17.82
CA THR A 193 -13.36 18.71 -17.04
C THR A 193 -12.97 18.98 -15.64
N ARG A 194 -13.52 18.22 -14.73
CA ARG A 194 -13.31 18.46 -13.33
C ARG A 194 -14.08 17.34 -12.69
N SER A 195 -13.51 16.82 -11.63
CA SER A 195 -13.96 15.58 -11.10
C SER A 195 -14.58 15.84 -9.75
N ASP A 196 -15.59 15.07 -9.39
CA ASP A 196 -16.38 15.31 -8.19
C ASP A 196 -16.77 13.99 -7.54
N GLY A 197 -17.36 14.03 -6.35
CA GLY A 197 -17.75 12.82 -5.61
C GLY A 197 -16.69 12.26 -4.68
N GLU A 198 -17.14 11.63 -3.60
CA GLU A 198 -16.24 10.89 -2.72
C GLU A 198 -16.05 9.52 -3.28
N GLU A 199 -14.93 8.90 -2.97
CA GLU A 199 -14.61 7.63 -3.57
C GLU A 199 -15.55 6.64 -2.86
N PRO A 200 -15.88 5.55 -3.54
CA PRO A 200 -15.57 5.22 -4.88
C PRO A 200 -16.65 5.70 -5.86
N PHE A 201 -17.55 6.58 -5.45
CA PHE A 201 -18.48 7.14 -6.43
C PHE A 201 -18.00 8.46 -7.04
N ARG A 202 -16.68 8.60 -7.13
CA ARG A 202 -16.04 9.80 -7.64
C ARG A 202 -15.85 9.74 -9.14
N HIS A 203 -16.36 10.76 -9.84
CA HIS A 203 -16.37 10.83 -11.32
C HIS A 203 -15.79 12.13 -11.92
N VAL A 204 -15.47 12.12 -13.21
CA VAL A 204 -15.21 13.35 -13.95
C VAL A 204 -16.52 13.97 -14.47
N ILE A 205 -16.62 15.30 -14.45
CA ILE A 205 -17.74 15.96 -15.07
C ILE A 205 -17.20 16.72 -16.22
N ILE A 206 -17.87 16.59 -17.35
CA ILE A 206 -17.57 17.38 -18.53
C ILE A 206 -18.68 18.39 -18.74
N SER A 207 -18.30 19.67 -18.92
CA SER A 207 -19.21 20.81 -19.14
C SER A 207 -18.55 21.86 -20.02
N LEU A 208 -19.36 22.72 -20.61
CA LEU A 208 -18.77 23.67 -21.55
C LEU A 208 -18.09 24.80 -20.88
N LYS A 209 -16.97 25.18 -21.48
CA LYS A 209 -16.07 26.16 -21.01
C LYS A 209 -16.80 27.50 -21.06
N ARG A 210 -16.38 28.44 -20.21
CA ARG A 210 -17.12 29.68 -19.98
C ARG A 210 -16.35 30.91 -20.38
N GLU A 211 -16.61 32.02 -19.67
CA GLU A 211 -15.96 33.37 -19.86
C GLU A 211 -15.82 33.83 -21.30
N ASP B 5 -20.75 -27.88 8.17
CA ASP B 5 -21.88 -28.83 7.91
C ASP B 5 -23.09 -28.55 8.81
N MSE B 6 -24.13 -29.37 8.70
CA MSE B 6 -25.51 -29.02 9.11
C MSE B 6 -26.12 -29.85 10.26
O MSE B 6 -25.46 -30.74 10.80
CB MSE B 6 -26.42 -29.04 7.88
CG MSE B 6 -26.00 -28.04 6.81
SE MSE B 6 -26.71 -28.26 4.99
CE MSE B 6 -25.69 -26.87 4.05
N VAL B 7 -27.37 -29.54 10.62
CA VAL B 7 -28.08 -30.24 11.69
C VAL B 7 -29.52 -30.60 11.31
N THR B 8 -30.09 -31.66 11.91
CA THR B 8 -31.40 -32.24 11.52
C THR B 8 -32.62 -31.78 12.30
N VAL B 9 -33.73 -31.56 11.58
CA VAL B 9 -35.03 -31.23 12.19
C VAL B 9 -36.23 -31.92 11.50
N THR B 10 -37.19 -32.38 12.33
CA THR B 10 -38.34 -33.18 11.89
C THR B 10 -39.67 -32.59 12.40
N ALA B 11 -40.64 -32.44 11.49
CA ALA B 11 -42.03 -32.07 11.84
C ALA B 11 -43.04 -32.65 10.83
N LYS B 12 -44.01 -31.83 10.39
CA LYS B 12 -45.12 -32.26 9.50
C LYS B 12 -44.75 -32.57 8.03
N THR B 13 -44.60 -31.54 7.20
CA THR B 13 -44.15 -31.72 5.81
C THR B 13 -42.64 -31.47 5.69
N VAL B 14 -42.31 -30.18 5.55
CA VAL B 14 -40.96 -29.66 5.36
C VAL B 14 -40.97 -28.20 5.91
N GLU B 15 -42.17 -27.60 5.90
CA GLU B 15 -42.40 -26.18 6.25
C GLU B 15 -42.55 -25.98 7.76
N GLU B 16 -43.48 -26.73 8.37
CA GLU B 16 -43.57 -26.84 9.83
C GLU B 16 -42.21 -27.31 10.33
N ALA B 17 -41.54 -28.15 9.52
CA ALA B 17 -40.17 -28.55 9.77
C ALA B 17 -39.18 -27.40 9.53
N VAL B 18 -39.40 -26.59 8.49
CA VAL B 18 -38.52 -25.46 8.21
C VAL B 18 -38.54 -24.49 9.41
N THR B 19 -39.74 -24.04 9.80
CA THR B 19 -39.89 -23.13 10.93
C THR B 19 -39.28 -23.66 12.22
N LYS B 20 -38.92 -24.95 12.24
CA LYS B 20 -38.54 -25.67 13.47
C LYS B 20 -37.30 -25.15 14.22
N ALA B 21 -36.13 -25.68 13.89
CA ALA B 21 -34.87 -25.23 14.52
C ALA B 21 -34.39 -23.86 13.98
N LEU B 22 -35.24 -23.21 13.16
CA LEU B 22 -35.12 -21.78 12.85
C LEU B 22 -35.14 -21.06 14.18
N ILE B 23 -36.07 -21.50 15.02
CA ILE B 23 -36.15 -21.13 16.43
C ILE B 23 -34.94 -21.63 17.24
N GLU B 24 -34.72 -22.95 17.26
CA GLU B 24 -33.67 -23.58 18.09
C GLU B 24 -32.27 -23.00 17.90
N LEU B 25 -31.96 -22.62 16.65
CA LEU B 25 -30.67 -22.04 16.30
C LEU B 25 -30.72 -20.51 16.15
N GLN B 26 -31.67 -19.86 16.84
CA GLN B 26 -31.81 -18.38 16.92
C GLN B 26 -31.58 -17.59 15.61
N THR B 27 -31.71 -18.26 14.47
CA THR B 27 -31.43 -17.68 13.14
C THR B 27 -32.72 -17.23 12.46
N THR B 28 -32.60 -16.62 11.28
CA THR B 28 -33.74 -16.16 10.49
C THR B 28 -33.75 -16.76 9.08
N SER B 29 -34.89 -16.64 8.38
CA SER B 29 -35.16 -17.35 7.11
C SER B 29 -34.16 -17.06 5.98
N ASP B 30 -33.70 -15.82 5.91
CA ASP B 30 -32.79 -15.35 4.86
C ASP B 30 -31.36 -15.90 4.98
N LYS B 31 -30.96 -16.25 6.20
CA LYS B 31 -29.59 -16.65 6.49
C LYS B 31 -29.37 -18.17 6.53
N LEU B 32 -30.45 -18.95 6.37
CA LEU B 32 -30.44 -20.41 6.62
C LEU B 32 -30.52 -21.32 5.38
N THR B 33 -29.50 -22.14 5.18
CA THR B 33 -29.49 -23.16 4.10
C THR B 33 -30.33 -24.41 4.45
N TYR B 34 -30.87 -25.08 3.43
CA TYR B 34 -31.85 -26.16 3.61
C TYR B 34 -31.64 -27.37 2.69
N GLU B 35 -31.64 -28.55 3.29
CA GLU B 35 -31.53 -29.82 2.55
C GLU B 35 -32.87 -30.57 2.49
N ILE B 36 -33.44 -30.67 1.29
CA ILE B 36 -34.72 -31.37 1.07
C ILE B 36 -34.53 -32.91 0.92
N VAL B 37 -34.63 -33.62 2.06
CA VAL B 37 -34.57 -35.08 2.09
C VAL B 37 -35.86 -35.64 2.70
N LYS B 50 -46.01 -40.77 8.16
CA LYS B 50 -45.95 -40.55 9.60
C LYS B 50 -44.68 -39.84 10.16
N PRO B 51 -43.54 -39.79 9.40
CA PRO B 51 -42.34 -38.96 9.74
C PRO B 51 -42.02 -37.80 8.75
N ALA B 52 -40.98 -36.99 9.01
CA ALA B 52 -40.48 -35.96 8.04
C ALA B 52 -39.27 -35.09 8.49
N ILE B 53 -38.08 -35.34 7.92
CA ILE B 53 -36.81 -34.69 8.35
C ILE B 53 -36.02 -33.91 7.28
N ILE B 54 -35.38 -32.82 7.74
CA ILE B 54 -34.48 -31.99 6.91
C ILE B 54 -33.16 -31.60 7.61
N ARG B 55 -32.17 -31.16 6.82
CA ARG B 55 -30.87 -30.65 7.32
C ARG B 55 -30.74 -29.14 7.10
N ALA B 56 -30.23 -28.43 8.11
CA ALA B 56 -30.06 -26.98 8.01
C ALA B 56 -28.92 -26.39 8.86
N LYS B 57 -28.19 -25.40 8.29
CA LYS B 57 -27.22 -24.53 9.01
C LYS B 57 -27.47 -23.03 8.79
N ARG B 58 -26.82 -22.20 9.59
CA ARG B 58 -26.91 -20.76 9.42
C ARG B 58 -25.70 -20.29 8.60
N LYS B 59 -25.97 -19.90 7.35
CA LYS B 59 -24.97 -19.70 6.30
C LYS B 59 -23.87 -18.67 6.63
N GLU B 60 -22.80 -18.66 5.82
CA GLU B 60 -21.63 -17.86 6.12
C GLU B 60 -21.96 -16.38 6.15
N THR B 61 -21.75 -15.78 7.32
CA THR B 61 -21.75 -14.33 7.58
C THR B 61 -20.81 -13.55 6.63
N LEU B 62 -21.20 -12.33 6.27
CA LEU B 62 -20.30 -11.48 5.54
C LEU B 62 -19.02 -11.20 6.31
N GLN B 63 -19.08 -10.96 7.62
CA GLN B 63 -17.84 -10.90 8.39
C GLN B 63 -17.08 -12.19 8.23
N ASP B 64 -17.70 -13.33 8.54
CA ASP B 64 -17.02 -14.60 8.33
C ASP B 64 -16.29 -14.62 6.99
N LYS B 65 -16.93 -14.06 5.98
CA LYS B 65 -16.40 -14.04 4.62
C LYS B 65 -15.27 -13.02 4.39
N ALA B 66 -15.35 -11.88 5.07
CA ALA B 66 -14.32 -10.89 4.98
C ALA B 66 -13.10 -11.46 5.66
N ILE B 67 -13.28 -11.94 6.91
CA ILE B 67 -12.15 -12.48 7.69
C ILE B 67 -11.48 -13.61 6.95
N GLU B 68 -12.30 -14.48 6.39
CA GLU B 68 -11.83 -15.59 5.61
C GLU B 68 -10.80 -15.12 4.60
N PHE B 69 -11.25 -14.25 3.72
CA PHE B 69 -10.45 -13.77 2.63
C PHE B 69 -9.18 -13.10 3.12
N LEU B 70 -9.28 -12.11 3.99
CA LEU B 70 -8.08 -11.40 4.39
C LEU B 70 -7.08 -12.41 4.92
N GLU B 71 -7.57 -13.30 5.77
CA GLU B 71 -6.81 -14.31 6.50
C GLU B 71 -5.97 -15.05 5.51
N GLN B 72 -6.61 -15.35 4.42
CA GLN B 72 -5.94 -16.03 3.37
C GLN B 72 -4.85 -15.18 2.74
N VAL B 73 -5.17 -13.92 2.43
CA VAL B 73 -4.18 -13.03 1.81
C VAL B 73 -2.97 -12.73 2.71
N PHE B 74 -3.22 -12.54 3.99
CA PHE B 74 -2.12 -12.31 4.84
C PHE B 74 -1.29 -13.54 5.02
N ASP B 75 -1.92 -14.68 4.80
CA ASP B 75 -1.24 -15.93 4.93
C ASP B 75 -0.29 -15.97 3.78
N ALA B 76 -0.77 -15.51 2.62
CA ALA B 76 0.00 -15.56 1.39
C ALA B 76 1.20 -14.62 1.41
N MSE B 77 1.10 -13.56 2.21
CA MSE B 77 2.20 -12.63 2.41
C MSE B 77 3.12 -13.00 3.58
O MSE B 77 4.00 -12.22 3.96
CB MSE B 77 1.62 -11.26 2.61
CG MSE B 77 0.55 -10.94 1.62
SE MSE B 77 0.12 -9.04 1.65
CE MSE B 77 1.89 -8.45 1.03
N ASN B 78 2.91 -14.17 4.16
CA ASN B 78 3.63 -14.60 5.33
C ASN B 78 3.49 -13.65 6.54
N MSE B 79 2.33 -13.03 6.68
CA MSE B 79 2.09 -12.20 7.85
C MSE B 79 0.94 -12.69 8.68
O MSE B 79 -0.09 -13.10 8.15
CB MSE B 79 1.71 -10.81 7.45
CG MSE B 79 2.70 -10.08 6.69
SE MSE B 79 1.79 -8.42 6.26
CE MSE B 79 3.41 -7.34 5.94
N ALA B 80 1.11 -12.56 9.99
CA ALA B 80 0.06 -12.86 10.94
C ALA B 80 -0.49 -11.58 11.54
N VAL B 81 -1.64 -11.11 11.06
CA VAL B 81 -2.33 -9.93 11.64
C VAL B 81 -3.62 -10.37 12.35
N ASP B 82 -4.09 -9.56 13.31
CA ASP B 82 -5.41 -9.73 13.90
C ASP B 82 -6.49 -8.90 13.28
N ILE B 83 -7.33 -9.53 12.48
CA ILE B 83 -8.46 -8.85 11.89
C ILE B 83 -9.60 -8.76 12.91
N SER B 84 -10.35 -7.68 12.90
CA SER B 84 -11.65 -7.67 13.59
C SER B 84 -12.58 -6.79 12.77
N VAL B 85 -13.88 -7.02 12.88
CA VAL B 85 -14.75 -6.41 11.91
C VAL B 85 -16.06 -6.11 12.52
N GLU B 86 -16.36 -4.85 12.71
CA GLU B 86 -17.69 -4.49 13.15
C GLU B 86 -18.54 -4.27 11.89
N TYR B 87 -19.82 -4.62 11.97
CA TYR B 87 -20.71 -4.57 10.83
C TYR B 87 -22.07 -4.08 11.25
N ASN B 88 -22.44 -2.91 10.76
CA ASN B 88 -23.75 -2.39 11.06
C ASN B 88 -24.68 -2.81 9.94
N GLU B 89 -25.41 -3.88 10.21
CA GLU B 89 -26.38 -4.43 9.30
C GLU B 89 -27.41 -3.42 8.75
N THR B 90 -28.08 -2.68 9.61
CA THR B 90 -29.10 -1.78 9.12
C THR B 90 -28.45 -0.80 8.15
N GLU B 91 -27.29 -0.27 8.50
CA GLU B 91 -26.55 0.65 7.63
C GLU B 91 -25.94 -0.02 6.41
N LYS B 92 -25.88 -1.36 6.43
CA LYS B 92 -25.21 -2.16 5.41
C LYS B 92 -23.80 -1.65 5.27
N GLU B 93 -23.03 -1.75 6.34
CA GLU B 93 -21.69 -1.17 6.36
C GLU B 93 -20.78 -1.85 7.35
N MSE B 94 -19.55 -2.07 6.92
CA MSE B 94 -18.65 -2.94 7.63
C MSE B 94 -17.28 -2.35 7.83
O MSE B 94 -16.59 -2.01 6.87
CB MSE B 94 -18.52 -4.21 6.85
CG MSE B 94 -17.28 -4.91 7.19
SE MSE B 94 -17.31 -6.64 6.41
CE MSE B 94 -19.02 -7.25 7.21
N ASN B 95 -16.87 -2.24 9.09
CA ASN B 95 -15.60 -1.63 9.40
C ASN B 95 -14.61 -2.64 9.85
N VAL B 96 -13.49 -2.69 9.15
CA VAL B 96 -12.53 -3.74 9.43
C VAL B 96 -11.22 -3.21 9.97
N ASN B 97 -10.81 -3.72 11.12
CA ASN B 97 -9.57 -3.30 11.68
C ASN B 97 -8.60 -4.44 11.86
N LEU B 98 -7.39 -4.23 11.37
CA LEU B 98 -6.36 -5.21 11.55
C LEU B 98 -5.26 -4.59 12.38
N LYS B 99 -4.39 -5.40 12.98
CA LYS B 99 -3.33 -4.91 13.85
C LYS B 99 -2.25 -5.96 14.18
N GLY B 100 -1.50 -5.74 15.26
CA GLY B 100 -0.46 -6.69 15.64
C GLY B 100 0.92 -6.36 15.11
N ASP B 101 1.94 -6.92 15.78
CA ASP B 101 3.33 -6.59 15.49
C ASP B 101 3.59 -6.69 14.00
N ASP B 102 3.16 -7.78 13.38
CA ASP B 102 3.40 -7.97 11.96
C ASP B 102 3.06 -6.80 11.01
N MSE B 103 2.30 -5.82 11.49
CA MSE B 103 1.95 -4.66 10.68
C MSE B 103 3.10 -3.64 10.60
O MSE B 103 3.02 -2.67 9.83
CB MSE B 103 0.69 -4.00 11.23
CG MSE B 103 -0.51 -4.91 11.22
SE MSE B 103 -1.49 -4.76 9.53
CE MSE B 103 -0.60 -6.10 8.40
N GLY B 104 4.15 -3.87 11.38
CA GLY B 104 5.37 -3.08 11.27
C GLY B 104 6.02 -3.23 9.90
N ILE B 105 5.86 -4.39 9.29
CA ILE B 105 6.44 -4.66 7.97
C ILE B 105 5.76 -3.87 6.84
N LEU B 106 4.70 -3.15 7.19
CA LEU B 106 4.03 -2.29 6.24
C LEU B 106 4.31 -0.82 6.44
N ILE B 107 5.42 -0.45 7.09
CA ILE B 107 5.65 0.95 7.54
C ILE B 107 5.44 2.05 6.47
N GLY B 108 6.33 2.16 5.50
CA GLY B 108 6.15 3.21 4.47
C GLY B 108 4.87 2.99 3.67
N LYS B 109 4.55 1.72 3.51
CA LYS B 109 3.65 1.23 2.51
C LYS B 109 2.20 1.43 2.92
N ARG B 110 1.87 1.06 4.16
CA ARG B 110 0.53 1.09 4.77
C ARG B 110 -0.64 1.54 3.85
N GLY B 111 -0.83 2.85 3.72
CA GLY B 111 -1.87 3.42 2.86
C GLY B 111 -2.22 2.77 1.54
N GLN B 112 -1.22 2.58 0.67
CA GLN B 112 -1.42 1.91 -0.61
C GLN B 112 -1.92 0.52 -0.40
N THR B 113 -1.15 -0.22 0.39
CA THR B 113 -1.49 -1.56 0.77
C THR B 113 -2.82 -1.56 1.44
N LEU B 114 -3.13 -0.68 2.37
CA LEU B 114 -4.46 -0.73 2.94
C LEU B 114 -5.56 -0.56 1.89
N ASP B 115 -5.34 0.34 0.96
CA ASP B 115 -6.29 0.57 -0.07
C ASP B 115 -6.42 -0.61 -0.98
N SER B 116 -5.31 -1.28 -1.29
CA SER B 116 -5.41 -2.37 -2.24
C SER B 116 -6.18 -3.52 -1.63
N LEU B 117 -5.93 -3.77 -0.34
CA LEU B 117 -6.64 -4.79 0.40
C LEU B 117 -8.09 -4.36 0.49
N GLN B 118 -8.32 -3.10 0.84
CA GLN B 118 -9.71 -2.72 0.91
C GLN B 118 -10.47 -3.06 -0.38
N TYR B 119 -9.87 -2.89 -1.53
CA TYR B 119 -10.66 -3.02 -2.72
C TYR B 119 -11.04 -4.47 -2.90
N LEU B 120 -10.04 -5.35 -2.99
CA LEU B 120 -10.31 -6.75 -3.13
C LEU B 120 -11.28 -7.22 -2.03
N VAL B 121 -11.16 -6.73 -0.78
CA VAL B 121 -12.11 -7.28 0.19
C VAL B 121 -13.54 -6.89 -0.08
N SER B 122 -13.74 -5.62 -0.39
CA SER B 122 -15.04 -5.14 -0.78
C SER B 122 -15.53 -6.01 -1.96
N LEU B 123 -14.67 -6.19 -2.94
CA LEU B 123 -14.96 -7.02 -4.07
C LEU B 123 -15.53 -8.37 -3.63
N VAL B 124 -14.85 -9.02 -2.70
CA VAL B 124 -15.32 -10.32 -2.22
C VAL B 124 -16.64 -10.17 -1.45
N VAL B 125 -16.74 -9.23 -0.54
CA VAL B 125 -17.96 -9.17 0.22
C VAL B 125 -19.19 -8.94 -0.64
N ASN B 126 -19.11 -8.08 -1.63
CA ASN B 126 -20.31 -7.75 -2.33
C ASN B 126 -20.78 -8.85 -3.25
N LYS B 127 -19.82 -9.62 -3.76
CA LYS B 127 -20.12 -10.86 -4.51
C LYS B 127 -21.17 -11.74 -3.78
N SER B 128 -20.85 -12.05 -2.54
CA SER B 128 -21.74 -12.76 -1.66
C SER B 128 -22.84 -11.89 -1.06
N SER B 129 -23.28 -10.83 -1.77
CA SER B 129 -24.39 -9.98 -1.28
C SER B 129 -25.28 -9.43 -2.38
N SER B 130 -26.57 -9.37 -2.09
CA SER B 130 -27.53 -8.73 -2.99
C SER B 130 -27.44 -7.19 -2.82
N ASP B 131 -27.87 -6.68 -1.66
CA ASP B 131 -27.73 -5.26 -1.38
C ASP B 131 -26.25 -4.89 -1.26
N TYR B 132 -25.89 -3.69 -1.72
CA TYR B 132 -24.48 -3.23 -1.76
C TYR B 132 -23.93 -2.90 -0.39
N ILE B 133 -22.82 -3.50 -0.04
CA ILE B 133 -22.23 -3.32 1.28
C ILE B 133 -21.03 -2.40 1.19
N ARG B 134 -20.98 -1.34 2.01
CA ARG B 134 -19.85 -0.42 1.97
C ARG B 134 -18.85 -0.76 3.06
N VAL B 135 -17.68 -1.27 2.67
CA VAL B 135 -16.66 -1.80 3.60
C VAL B 135 -15.40 -0.91 3.64
N LYS B 136 -14.95 -0.58 4.85
CA LYS B 136 -13.70 0.17 5.04
C LYS B 136 -12.68 -0.58 5.83
N LEU B 137 -11.47 -0.60 5.30
CA LEU B 137 -10.36 -1.28 5.94
C LEU B 137 -9.41 -0.27 6.54
N ASP B 138 -8.94 -0.51 7.77
CA ASP B 138 -8.03 0.41 8.46
C ASP B 138 -7.26 -0.26 9.63
N THR B 139 -5.93 -0.18 9.72
CA THR B 139 -5.17 -0.44 11.00
C THR B 139 -5.20 0.74 11.96
N GLU B 140 -5.83 0.53 13.12
CA GLU B 140 -5.67 1.40 14.27
C GLU B 140 -5.68 2.86 13.87
N ASN B 141 -6.78 3.28 13.26
CA ASN B 141 -7.00 4.69 12.90
C ASN B 141 -5.94 5.36 12.06
N TYR B 142 -4.95 4.59 11.62
CA TYR B 142 -3.94 5.10 10.76
C TYR B 142 -4.60 5.96 9.76
N ARG B 143 -5.72 5.52 9.23
CA ARG B 143 -6.25 6.24 8.12
C ARG B 143 -6.36 7.72 8.49
N GLU B 144 -6.96 8.02 9.64
CA GLU B 144 -7.16 9.40 10.02
C GLU B 144 -5.84 10.12 10.40
N ARG B 145 -5.04 9.50 11.25
CA ARG B 145 -3.74 10.05 11.57
C ARG B 145 -2.96 10.49 10.33
N ARG B 146 -3.14 9.78 9.23
CA ARG B 146 -2.38 10.06 8.04
C ARG B 146 -2.94 11.29 7.40
N LYS B 147 -4.26 11.43 7.43
CA LYS B 147 -4.93 12.56 6.78
C LYS B 147 -4.45 13.83 7.49
N GLU B 148 -4.24 13.66 8.79
CA GLU B 148 -3.96 14.76 9.66
C GLU B 148 -2.54 15.25 9.43
N THR B 149 -1.57 14.35 9.45
CA THR B 149 -0.21 14.82 9.27
C THR B 149 0.03 15.29 7.84
N LEU B 150 -0.85 14.91 6.92
CA LEU B 150 -0.76 15.49 5.60
C LEU B 150 -1.33 16.89 5.55
N GLU B 151 -2.48 17.13 6.16
CA GLU B 151 -3.10 18.47 6.15
C GLU B 151 -2.13 19.48 6.79
N THR B 152 -1.47 18.98 7.82
CA THR B 152 -0.47 19.71 8.50
C THR B 152 0.62 20.02 7.50
N LEU B 153 1.02 19.02 6.71
CA LEU B 153 2.10 19.24 5.74
C LEU B 153 1.69 20.32 4.75
N ALA B 154 0.45 20.23 4.30
CA ALA B 154 -0.03 21.14 3.31
C ALA B 154 0.14 22.56 3.86
N LYS B 155 -0.44 22.82 5.03
CA LYS B 155 -0.34 24.12 5.67
C LYS B 155 1.08 24.62 5.87
N ASN B 156 2.03 23.74 6.16
CA ASN B 156 3.40 24.20 6.35
C ASN B 156 4.06 24.62 5.07
N ILE B 157 3.79 23.90 3.98
CA ILE B 157 4.37 24.37 2.73
C ILE B 157 3.67 25.65 2.32
N ALA B 158 2.36 25.69 2.51
CA ALA B 158 1.59 26.90 2.35
C ALA B 158 2.28 28.07 3.07
N TYR B 159 2.50 27.92 4.40
CA TYR B 159 3.30 28.92 5.15
C TYR B 159 4.55 29.30 4.35
N LYS B 160 5.39 28.28 4.14
CA LYS B 160 6.71 28.39 3.53
C LYS B 160 6.70 29.12 2.19
N VAL B 161 5.79 28.72 1.30
CA VAL B 161 5.81 29.23 -0.09
C VAL B 161 5.56 30.74 -0.13
N LYS B 162 4.58 31.24 0.61
CA LYS B 162 4.34 32.68 0.62
C LYS B 162 5.45 33.43 1.39
N ARG B 163 6.21 32.69 2.21
CA ARG B 163 7.40 33.24 2.85
C ARG B 163 8.62 33.33 1.93
N THR B 164 8.93 32.31 1.15
CA THR B 164 9.98 32.46 0.15
C THR B 164 9.45 33.22 -1.05
N LYS B 165 8.14 33.41 -1.05
CA LYS B 165 7.40 33.88 -2.21
C LYS B 165 7.63 32.98 -3.44
N ARG B 166 8.50 31.98 -3.30
CA ARG B 166 8.74 31.08 -4.42
C ARG B 166 7.65 29.99 -4.58
N SER B 167 8.04 28.70 -4.52
CA SER B 167 7.14 27.59 -4.86
C SER B 167 7.83 26.21 -4.74
N VAL B 168 7.11 25.21 -4.23
CA VAL B 168 7.72 23.89 -3.95
C VAL B 168 6.93 22.64 -4.41
N SER B 169 7.69 21.62 -4.79
CA SER B 169 7.11 20.34 -5.13
C SER B 169 7.23 19.42 -3.96
N LEU B 170 6.09 18.87 -3.53
CA LEU B 170 6.08 17.85 -2.49
C LEU B 170 6.61 16.57 -3.00
N GLU B 171 6.75 15.63 -2.11
CA GLU B 171 7.16 14.30 -2.48
C GLU B 171 6.13 13.65 -3.42
N PRO B 172 6.52 12.59 -4.12
CA PRO B 172 5.51 11.72 -4.72
C PRO B 172 4.47 11.21 -3.70
N MSE B 173 3.21 11.18 -4.13
CA MSE B 173 2.17 10.40 -3.45
C MSE B 173 1.06 9.90 -4.40
O MSE B 173 0.90 10.37 -5.54
CB MSE B 173 1.60 11.15 -2.26
CG MSE B 173 1.25 12.56 -2.56
SE MSE B 173 1.26 13.67 -0.94
CE MSE B 173 3.19 13.84 -0.74
N ASN B 174 0.31 8.91 -3.94
CA ASN B 174 -0.80 8.39 -4.71
C ASN B 174 -1.89 9.45 -4.76
N PRO B 175 -2.92 9.23 -5.58
CA PRO B 175 -3.99 10.22 -5.78
C PRO B 175 -4.77 10.50 -4.54
N TYR B 176 -4.96 9.48 -3.72
CA TYR B 176 -5.77 9.60 -2.52
C TYR B 176 -5.18 10.64 -1.64
N GLU B 177 -3.86 10.60 -1.55
CA GLU B 177 -3.11 11.56 -0.75
C GLU B 177 -3.16 12.90 -1.42
N ARG B 178 -2.83 12.91 -2.70
CA ARG B 178 -2.92 14.14 -3.44
C ARG B 178 -4.24 14.86 -3.22
N ARG B 179 -5.37 14.15 -3.16
CA ARG B 179 -6.63 14.85 -2.94
C ARG B 179 -6.61 15.55 -1.59
N ILE B 180 -6.07 14.85 -0.59
CA ILE B 180 -6.03 15.38 0.76
C ILE B 180 -5.29 16.72 0.78
N ILE B 181 -4.16 16.77 0.08
CA ILE B 181 -3.47 18.03 -0.03
C ILE B 181 -4.36 19.05 -0.70
N HIS B 182 -4.75 18.81 -1.95
CA HIS B 182 -5.53 19.79 -2.69
C HIS B 182 -6.64 20.38 -1.81
N ALA B 183 -7.51 19.50 -1.29
CA ALA B 183 -8.51 19.81 -0.27
C ALA B 183 -8.01 20.79 0.80
N ALA B 184 -6.89 20.51 1.44
CA ALA B 184 -6.41 21.38 2.50
C ALA B 184 -6.14 22.82 2.04
N LEU B 185 -5.56 23.01 0.87
CA LEU B 185 -5.33 24.36 0.39
C LEU B 185 -6.38 24.84 -0.57
N GLN B 186 -7.50 24.13 -0.63
CA GLN B 186 -8.62 24.46 -1.53
C GLN B 186 -9.09 25.89 -1.40
N ASN B 187 -9.13 26.41 -0.17
CA ASN B 187 -9.62 27.75 0.09
C ASN B 187 -8.53 28.75 0.30
N ASP B 188 -7.35 28.24 0.65
CA ASP B 188 -6.23 29.06 1.10
C ASP B 188 -6.07 30.37 0.34
N LYS B 189 -6.53 31.46 0.95
CA LYS B 189 -6.62 32.77 0.29
C LYS B 189 -5.28 33.42 -0.14
N TYR B 190 -4.23 32.64 -0.43
CA TYR B 190 -2.96 33.21 -0.95
C TYR B 190 -2.05 32.34 -1.88
N VAL B 191 -2.44 31.09 -2.13
CA VAL B 191 -1.55 30.11 -2.81
C VAL B 191 -2.31 29.02 -3.59
N VAL B 192 -1.69 28.47 -4.64
CA VAL B 192 -2.41 27.61 -5.60
C VAL B 192 -1.99 26.15 -5.47
N THR B 193 -2.94 25.27 -5.80
CA THR B 193 -2.76 23.82 -5.73
C THR B 193 -2.80 23.18 -7.14
N ARG B 194 -1.67 22.57 -7.52
CA ARG B 194 -1.55 21.87 -8.79
C ARG B 194 -0.88 20.52 -8.62
N SER B 195 -1.56 19.51 -9.11
CA SER B 195 -1.01 18.16 -9.17
C SER B 195 -0.05 18.04 -10.35
N ASP B 196 1.01 17.25 -10.21
CA ASP B 196 1.89 16.97 -11.34
C ASP B 196 2.88 15.80 -11.20
N GLY B 197 3.49 15.41 -12.31
CA GLY B 197 4.43 14.27 -12.37
C GLY B 197 3.83 13.02 -13.00
N GLU B 198 4.55 11.90 -12.90
CA GLU B 198 4.06 10.64 -13.50
C GLU B 198 4.15 9.51 -12.53
N GLU B 199 3.01 8.90 -12.25
CA GLU B 199 2.95 7.79 -11.32
C GLU B 199 4.16 6.88 -11.60
N PRO B 200 4.85 6.39 -10.53
CA PRO B 200 4.63 6.62 -9.10
C PRO B 200 5.33 7.89 -8.56
N PHE B 201 5.50 8.90 -9.43
CA PHE B 201 6.18 10.14 -9.07
C PHE B 201 5.27 11.37 -9.21
N ARG B 202 3.97 11.16 -9.25
CA ARG B 202 3.05 12.27 -9.25
C ARG B 202 3.04 12.95 -7.91
N HIS B 203 3.21 14.28 -7.91
CA HIS B 203 3.22 15.08 -6.67
C HIS B 203 2.38 16.31 -6.77
N VAL B 204 2.01 16.87 -5.64
CA VAL B 204 1.41 18.20 -5.67
C VAL B 204 2.48 19.30 -5.70
N ILE B 205 2.16 20.38 -6.40
CA ILE B 205 2.96 21.58 -6.38
C ILE B 205 2.12 22.74 -5.88
N ILE B 206 2.56 23.26 -4.74
CA ILE B 206 2.02 24.48 -4.20
C ILE B 206 2.86 25.61 -4.71
N SER B 207 2.19 26.62 -5.26
CA SER B 207 2.83 27.77 -5.88
C SER B 207 2.11 29.04 -5.46
N LEU B 208 2.85 30.14 -5.32
CA LEU B 208 2.26 31.39 -4.87
C LEU B 208 1.15 31.84 -5.80
N LYS B 209 0.09 32.37 -5.20
CA LYS B 209 -0.93 33.21 -5.88
C LYS B 209 -2.23 32.48 -6.09
N MSE C 4 21.84 21.91 4.16
CA MSE C 4 21.02 21.38 3.04
C MSE C 4 21.05 22.30 1.80
O MSE C 4 20.93 23.53 1.92
CB MSE C 4 19.59 21.16 3.51
N ASP C 5 21.23 21.72 0.61
CA ASP C 5 21.13 22.41 -0.69
C ASP C 5 20.26 21.55 -1.65
N MSE C 6 20.12 21.94 -2.93
CA MSE C 6 19.31 21.15 -3.93
C MSE C 6 20.03 20.90 -5.27
O MSE C 6 20.74 21.78 -5.76
CB MSE C 6 17.91 21.78 -4.15
CG MSE C 6 16.82 20.75 -4.59
SE MSE C 6 14.91 21.30 -4.57
CE MSE C 6 14.85 22.36 -2.91
N VAL C 7 19.85 19.71 -5.84
CA VAL C 7 20.60 19.29 -7.05
C VAL C 7 19.88 19.57 -8.38
N THR C 8 20.65 19.82 -9.44
CA THR C 8 20.10 20.00 -10.79
C THR C 8 20.42 18.82 -11.72
N VAL C 9 19.47 17.90 -11.85
CA VAL C 9 19.61 16.71 -12.70
C VAL C 9 18.67 16.72 -13.95
N THR C 10 19.29 16.80 -15.12
CA THR C 10 18.56 16.90 -16.38
C THR C 10 18.86 15.70 -17.29
N ALA C 11 17.85 15.26 -18.04
CA ALA C 11 18.00 14.19 -19.04
C ALA C 11 17.02 14.43 -20.18
N LYS C 12 16.94 13.47 -21.12
CA LYS C 12 16.05 13.59 -22.30
C LYS C 12 14.58 13.95 -21.99
N THR C 13 13.96 13.18 -21.10
CA THR C 13 12.61 13.46 -20.63
C THR C 13 12.65 13.71 -19.14
N VAL C 14 11.47 13.94 -18.54
CA VAL C 14 11.33 14.19 -17.10
C VAL C 14 11.59 12.92 -16.29
N GLU C 15 10.80 11.89 -16.54
CA GLU C 15 10.90 10.66 -15.79
C GLU C 15 12.27 10.02 -16.03
N GLU C 16 12.83 10.25 -17.21
CA GLU C 16 14.24 9.97 -17.45
C GLU C 16 15.10 10.56 -16.32
N ALA C 17 14.99 11.88 -16.14
CA ALA C 17 15.79 12.60 -15.13
C ALA C 17 15.46 12.20 -13.69
N VAL C 18 14.29 11.61 -13.49
CA VAL C 18 13.90 11.08 -12.19
C VAL C 18 14.74 9.87 -11.83
N THR C 19 14.81 8.89 -12.73
CA THR C 19 15.59 7.67 -12.48
C THR C 19 17.09 7.94 -12.59
N LYS C 20 17.45 9.03 -13.27
CA LYS C 20 18.83 9.53 -13.32
C LYS C 20 19.18 10.31 -12.05
N ALA C 21 18.19 11.03 -11.54
CA ALA C 21 18.27 11.62 -10.23
C ALA C 21 18.37 10.50 -9.20
N LEU C 22 17.41 9.57 -9.23
CA LEU C 22 17.28 8.49 -8.24
C LEU C 22 18.59 7.82 -7.88
N ILE C 23 19.27 7.35 -8.93
CA ILE C 23 20.55 6.64 -8.83
C ILE C 23 21.77 7.58 -8.62
N GLU C 24 21.53 8.81 -8.17
CA GLU C 24 22.58 9.75 -7.82
C GLU C 24 22.72 9.81 -6.29
N LEU C 25 22.02 8.92 -5.59
CA LEU C 25 21.96 8.94 -4.12
C LEU C 25 21.41 7.62 -3.66
N GLN C 26 21.95 7.07 -2.56
CA GLN C 26 21.52 5.76 -1.97
C GLN C 26 20.05 5.76 -1.61
N THR C 27 19.26 6.22 -2.56
CA THR C 27 17.88 6.55 -2.31
C THR C 27 16.93 6.05 -3.42
N THR C 28 15.65 6.36 -3.23
CA THR C 28 14.58 5.51 -3.70
C THR C 28 13.22 6.28 -3.72
N SER C 29 12.24 5.74 -4.46
CA SER C 29 10.88 6.30 -4.56
C SER C 29 10.32 6.72 -3.19
N ASP C 30 10.57 5.90 -2.20
CA ASP C 30 10.31 6.22 -0.81
C ASP C 30 10.93 7.56 -0.45
N LYS C 31 12.22 7.65 -0.70
CA LYS C 31 13.00 8.75 -0.19
C LYS C 31 13.17 9.98 -1.14
N LEU C 32 12.78 9.90 -2.42
CA LEU C 32 13.00 11.04 -3.34
C LEU C 32 11.97 12.18 -3.27
N THR C 33 12.45 13.41 -3.51
CA THR C 33 11.62 14.60 -3.80
C THR C 33 12.28 15.35 -4.94
N TYR C 34 11.47 15.89 -5.83
CA TYR C 34 12.02 16.69 -6.91
C TYR C 34 11.07 17.79 -7.39
N GLU C 35 11.55 18.56 -8.36
CA GLU C 35 10.86 19.74 -8.89
C GLU C 35 11.00 19.71 -10.42
N ILE C 36 9.98 20.15 -11.14
CA ILE C 36 10.05 20.18 -12.62
C ILE C 36 10.22 21.60 -13.16
N VAL C 37 11.14 21.75 -14.12
CA VAL C 37 11.09 22.86 -15.09
C VAL C 37 11.37 22.38 -16.52
N GLU C 38 10.68 22.97 -17.49
CA GLU C 38 10.88 22.62 -18.90
C GLU C 38 10.47 23.79 -19.80
N LYS C 50 13.60 19.84 -26.52
CA LYS C 50 15.01 20.05 -26.25
C LYS C 50 15.25 20.41 -24.78
N PRO C 51 14.18 20.48 -24.01
CA PRO C 51 14.28 20.88 -22.60
C PRO C 51 13.55 20.00 -21.60
N ALA C 52 14.32 19.27 -20.79
CA ALA C 52 13.80 18.50 -19.68
C ALA C 52 14.83 18.52 -18.57
N ILE C 53 14.54 19.30 -17.54
CA ILE C 53 15.41 19.41 -16.37
C ILE C 53 14.57 19.44 -15.10
N ILE C 54 14.64 18.38 -14.32
CA ILE C 54 14.02 18.38 -12.99
C ILE C 54 15.01 19.02 -12.02
N ARG C 55 14.66 19.02 -10.74
CA ARG C 55 15.58 19.45 -9.68
C ARG C 55 15.32 18.55 -8.47
N ALA C 56 16.33 17.78 -8.07
CA ALA C 56 16.11 16.73 -7.05
C ALA C 56 16.79 16.98 -5.68
N LYS C 57 16.39 16.15 -4.71
CA LYS C 57 17.08 15.97 -3.42
C LYS C 57 16.34 14.94 -2.57
N ARG C 58 16.99 14.39 -1.52
CA ARG C 58 16.38 13.35 -0.67
C ARG C 58 15.34 13.92 0.26
N LYS C 59 14.37 13.10 0.66
CA LYS C 59 13.40 13.52 1.64
C LYS C 59 14.14 13.81 2.93
N GLU C 60 13.48 14.55 3.82
CA GLU C 60 14.07 14.94 5.09
C GLU C 60 13.65 13.99 6.21
N THR C 61 14.60 13.48 6.97
CA THR C 61 14.32 12.67 8.18
C THR C 61 13.55 13.38 9.28
N LEU C 62 12.94 12.58 10.15
CA LEU C 62 12.42 13.12 11.37
C LEU C 62 13.55 13.69 12.19
N GLN C 63 14.71 13.04 12.16
CA GLN C 63 15.81 13.47 13.01
C GLN C 63 16.27 14.85 12.58
N ASP C 64 16.26 15.10 11.27
CA ASP C 64 16.64 16.41 10.77
C ASP C 64 15.69 17.47 11.26
N LYS C 65 14.43 17.09 11.43
CA LYS C 65 13.42 18.05 11.85
C LYS C 65 13.83 18.56 13.21
N ALA C 66 13.82 17.65 14.18
CA ALA C 66 14.44 17.84 15.46
C ALA C 66 15.67 18.76 15.45
N ILE C 67 16.75 18.38 14.77
CA ILE C 67 17.96 19.23 14.72
C ILE C 67 17.68 20.61 14.12
N GLU C 68 17.06 20.66 12.96
CA GLU C 68 16.74 21.94 12.35
C GLU C 68 16.06 22.88 13.32
N PHE C 69 14.96 22.42 13.91
CA PHE C 69 14.21 23.18 14.89
C PHE C 69 15.05 23.62 16.08
N LEU C 70 15.85 22.71 16.63
CA LEU C 70 16.60 23.07 17.79
C LEU C 70 17.66 24.06 17.41
N GLU C 71 18.40 23.74 16.37
CA GLU C 71 19.54 24.56 16.06
C GLU C 71 19.10 25.98 15.90
N GLN C 72 17.84 26.14 15.53
CA GLN C 72 17.35 27.44 15.21
C GLN C 72 16.82 28.14 16.44
N VAL C 73 16.52 27.37 17.49
CA VAL C 73 16.13 27.97 18.75
C VAL C 73 17.35 28.37 19.53
N PHE C 74 18.34 27.50 19.57
CA PHE C 74 19.53 27.82 20.33
C PHE C 74 20.24 29.00 19.73
N ASP C 75 20.16 29.12 18.40
CA ASP C 75 20.66 30.31 17.77
C ASP C 75 19.88 31.51 18.26
N ALA C 76 18.56 31.37 18.31
CA ALA C 76 17.71 32.44 18.82
C ALA C 76 17.99 32.72 20.27
N MSE C 77 18.87 31.98 20.91
CA MSE C 77 19.09 32.16 22.31
C MSE C 77 20.51 32.53 22.52
O MSE C 77 20.96 32.68 23.64
CB MSE C 77 18.79 30.87 23.02
CG MSE C 77 17.32 30.59 23.18
SE MSE C 77 16.97 29.14 24.45
CE MSE C 77 18.37 29.39 25.79
N ASN C 78 21.22 32.69 21.42
CA ASN C 78 22.64 32.94 21.42
C ASN C 78 23.43 31.93 22.20
N MSE C 79 23.17 30.66 21.95
CA MSE C 79 24.01 29.62 22.51
C MSE C 79 24.48 28.69 21.43
O MSE C 79 23.73 28.35 20.49
CB MSE C 79 23.26 28.85 23.55
CG MSE C 79 22.33 29.70 24.28
SE MSE C 79 21.97 28.92 26.00
CE MSE C 79 21.74 30.60 27.06
N ALA C 80 25.73 28.29 21.53
CA ALA C 80 26.22 27.26 20.66
C ALA C 80 26.11 25.98 21.44
N VAL C 81 25.19 25.11 21.03
CA VAL C 81 25.13 23.75 21.58
C VAL C 81 25.26 22.74 20.46
N ASP C 82 25.97 21.65 20.74
CA ASP C 82 25.98 20.53 19.82
C ASP C 82 24.83 19.61 20.10
N ILE C 83 24.19 19.25 19.01
CA ILE C 83 23.08 18.34 19.08
C ILE C 83 23.52 17.02 18.48
N SER C 84 23.24 15.95 19.21
CA SER C 84 23.40 14.61 18.70
C SER C 84 22.19 13.81 19.10
N VAL C 85 21.35 13.56 18.10
CA VAL C 85 20.24 12.63 18.22
C VAL C 85 20.68 11.23 17.77
N GLU C 86 19.92 10.23 18.21
CA GLU C 86 20.01 8.90 17.68
C GLU C 86 18.59 8.45 17.79
N TYR C 87 18.17 7.68 16.79
CA TYR C 87 16.77 7.33 16.60
C TYR C 87 16.54 5.84 16.31
N ASN C 88 15.59 5.26 17.02
CA ASN C 88 15.04 3.94 16.67
C ASN C 88 13.54 4.08 16.38
N GLU C 89 13.11 3.60 15.20
CA GLU C 89 11.69 3.67 14.84
C GLU C 89 10.94 2.38 15.14
N THR C 90 11.59 1.25 14.94
CA THR C 90 10.96 0.00 15.31
C THR C 90 10.28 0.17 16.68
N GLU C 91 11.05 0.57 17.70
CA GLU C 91 10.45 0.82 19.02
C GLU C 91 9.96 2.26 19.18
N LYS C 92 10.42 3.12 18.28
CA LYS C 92 9.74 4.36 17.97
C LYS C 92 9.90 5.43 19.04
N GLU C 93 11.15 5.81 19.27
CA GLU C 93 11.47 6.95 20.11
C GLU C 93 12.82 7.47 19.71
N MSE C 94 13.05 8.74 20.01
CA MSE C 94 14.33 9.33 19.72
C MSE C 94 14.89 10.05 20.93
O MSE C 94 14.16 10.72 21.67
CB MSE C 94 14.26 10.22 18.48
CG MSE C 94 14.42 11.68 18.69
SE MSE C 94 13.84 12.66 17.13
CE MSE C 94 15.02 11.94 15.75
N ASN C 95 16.19 9.87 21.15
CA ASN C 95 16.85 10.53 22.26
C ASN C 95 17.89 11.45 21.68
N VAL C 96 17.71 12.72 21.96
CA VAL C 96 18.55 13.72 21.42
C VAL C 96 19.32 14.30 22.58
N ASN C 97 20.63 14.32 22.39
CA ASN C 97 21.55 14.70 23.42
C ASN C 97 22.17 16.07 23.15
N LEU C 98 22.31 16.86 24.21
CA LEU C 98 22.77 18.25 24.13
C LEU C 98 24.16 18.50 24.77
N LYS C 99 25.09 18.97 23.95
CA LYS C 99 26.51 19.12 24.33
C LYS C 99 26.77 20.38 25.16
N GLY C 100 27.70 20.29 26.12
CA GLY C 100 27.75 21.14 27.33
C GLY C 100 28.30 22.56 27.50
N ASP C 101 28.55 23.27 26.40
CA ASP C 101 29.16 24.61 26.47
C ASP C 101 28.73 25.43 27.71
N ASP C 102 27.44 25.73 27.81
CA ASP C 102 26.92 26.52 28.91
C ASP C 102 25.68 25.86 29.49
N MSE C 103 25.78 24.55 29.70
CA MSE C 103 24.63 23.67 29.93
C MSE C 103 23.66 24.08 31.00
O MSE C 103 22.47 23.89 30.85
CB MSE C 103 25.11 22.26 30.25
CG MSE C 103 25.38 21.42 29.02
SE MSE C 103 24.22 21.78 27.47
CE MSE C 103 22.75 20.56 27.86
N GLY C 104 24.18 24.64 32.09
CA GLY C 104 23.37 24.97 33.26
C GLY C 104 22.08 25.67 32.88
N ILE C 105 22.16 26.49 31.84
CA ILE C 105 21.03 27.29 31.42
C ILE C 105 19.87 26.40 31.00
N LEU C 106 20.16 25.47 30.08
CA LEU C 106 19.20 24.47 29.61
C LEU C 106 18.79 23.48 30.71
N ILE C 107 19.63 23.31 31.73
CA ILE C 107 19.22 22.70 33.00
C ILE C 107 17.81 23.15 33.37
N GLY C 108 17.64 24.45 33.61
CA GLY C 108 16.32 24.95 33.98
C GLY C 108 16.06 25.02 35.47
N LYS C 109 15.08 25.85 35.84
CA LYS C 109 14.73 26.14 37.24
C LYS C 109 14.59 24.87 38.09
N ARG C 110 14.03 23.83 37.48
CA ARG C 110 14.00 22.49 38.05
C ARG C 110 13.91 21.45 36.93
N GLY C 111 14.36 21.83 35.73
CA GLY C 111 14.11 21.05 34.52
C GLY C 111 13.21 21.86 33.64
N GLN C 112 12.59 22.85 34.24
CA GLN C 112 11.75 23.83 33.59
C GLN C 112 12.21 24.18 32.16
N THR C 113 13.47 24.53 31.95
CA THR C 113 13.82 24.97 30.60
C THR C 113 13.95 23.79 29.63
N LEU C 114 14.49 22.68 30.12
CA LEU C 114 14.63 21.46 29.33
C LEU C 114 13.27 20.98 28.98
N ASP C 115 12.46 20.76 30.00
CA ASP C 115 11.18 20.18 29.75
C ASP C 115 10.45 21.03 28.74
N SER C 116 10.63 22.34 28.88
CA SER C 116 9.95 23.27 28.01
C SER C 116 10.45 23.11 26.60
N LEU C 117 11.76 23.17 26.43
CA LEU C 117 12.39 22.84 25.17
C LEU C 117 11.89 21.50 24.66
N GLN C 118 12.14 20.45 25.44
CA GLN C 118 11.73 19.08 25.08
C GLN C 118 10.30 18.99 24.56
N TYR C 119 9.35 19.45 25.35
CA TYR C 119 7.97 19.62 24.88
C TYR C 119 7.85 20.21 23.47
N LEU C 120 8.54 21.31 23.22
CA LEU C 120 8.42 21.96 21.93
C LEU C 120 9.05 21.12 20.82
N VAL C 121 10.27 20.64 21.03
CA VAL C 121 10.83 19.79 20.00
C VAL C 121 9.91 18.59 19.72
N SER C 122 9.26 18.01 20.74
CA SER C 122 8.35 16.86 20.51
C SER C 122 7.24 17.28 19.58
N LEU C 123 6.50 18.29 20.03
CA LEU C 123 5.52 19.01 19.27
C LEU C 123 5.92 19.08 17.81
N VAL C 124 7.12 19.57 17.53
CA VAL C 124 7.53 19.68 16.14
C VAL C 124 7.68 18.31 15.46
N VAL C 125 8.68 17.52 15.87
CA VAL C 125 8.85 16.19 15.29
C VAL C 125 7.50 15.50 15.15
N ASN C 126 6.71 15.48 16.21
CA ASN C 126 5.46 14.76 16.14
C ASN C 126 4.39 15.22 15.16
N LYS C 127 4.30 16.53 14.91
CA LYS C 127 3.36 17.04 13.89
C LYS C 127 3.66 16.53 12.46
N SER C 128 4.84 15.92 12.33
CA SER C 128 5.30 15.32 11.11
C SER C 128 5.21 13.80 11.06
N SER C 129 4.58 13.20 12.04
CA SER C 129 4.68 11.78 12.17
C SER C 129 3.34 11.20 12.41
N SER C 130 2.98 10.20 11.63
CA SER C 130 1.66 9.59 11.77
C SER C 130 1.55 8.79 13.06
N ASP C 131 2.64 8.15 13.48
CA ASP C 131 2.68 7.52 14.82
C ASP C 131 3.20 8.46 15.86
N TYR C 132 2.84 8.20 17.13
CA TYR C 132 3.40 9.01 18.22
C TYR C 132 4.85 8.61 18.47
N ILE C 133 5.73 9.60 18.59
CA ILE C 133 7.14 9.38 18.89
C ILE C 133 7.47 9.89 20.28
N ARG C 134 8.28 9.15 21.03
CA ARG C 134 8.74 9.63 22.35
C ARG C 134 10.06 10.36 22.14
N VAL C 135 10.04 11.63 22.48
CA VAL C 135 11.22 12.51 22.40
C VAL C 135 11.74 12.91 23.80
N LYS C 136 12.96 12.51 24.04
CA LYS C 136 13.58 12.65 25.32
C LYS C 136 14.76 13.56 25.00
N LEU C 137 14.81 14.67 25.73
CA LEU C 137 15.87 15.62 25.54
C LEU C 137 16.81 15.51 26.73
N ASP C 138 18.10 15.36 26.44
CA ASP C 138 19.05 15.14 27.54
C ASP C 138 20.47 15.74 27.49
N THR C 139 21.03 15.83 28.70
CA THR C 139 22.44 16.06 29.00
C THR C 139 22.87 14.96 29.98
N GLU C 140 23.45 15.33 31.11
CA GLU C 140 23.65 14.40 32.20
C GLU C 140 22.47 14.37 33.19
N ASN C 141 21.55 15.32 33.01
CA ASN C 141 20.48 15.63 33.99
C ASN C 141 19.49 14.52 34.21
N TYR C 142 18.75 14.12 33.19
CA TYR C 142 17.76 13.05 33.34
C TYR C 142 18.50 11.77 33.65
N ARG C 143 19.68 11.61 33.05
CA ARG C 143 20.59 10.55 33.49
C ARG C 143 20.55 10.57 35.02
N GLU C 144 20.99 11.69 35.62
CA GLU C 144 21.14 11.84 37.09
C GLU C 144 19.85 12.16 37.88
N ARG C 145 18.98 13.01 37.32
CA ARG C 145 17.69 13.37 37.94
C ARG C 145 16.88 12.12 38.28
N ARG C 146 17.46 10.97 37.95
CA ARG C 146 16.88 9.64 38.24
C ARG C 146 17.17 9.14 39.66
N LYS C 147 18.45 9.12 40.08
CA LYS C 147 18.84 8.67 41.43
C LYS C 147 17.95 9.27 42.52
N GLU C 148 17.28 10.38 42.17
CA GLU C 148 16.27 11.03 42.99
C GLU C 148 14.88 10.88 42.34
#